data_7POF
#
_entry.id   7POF
#
_entity_poly.entity_id   1
_entity_poly.type   'polyribonucleotide'
_entity_poly.pdbx_seq_one_letter_code
;GGCGC(6MZ)UCGGCGCC
;
_entity_poly.pdbx_strand_id   A
#
loop_
_chem_comp.id
_chem_comp.type
_chem_comp.name
_chem_comp.formula
6MZ RNA linking N6-METHYLADENOSINE-5'-MONOPHOSPHATE 'C11 H16 N5 O7 P'
C RNA linking CYTIDINE-5'-MONOPHOSPHATE 'C9 H14 N3 O8 P'
G RNA linking GUANOSINE-5'-MONOPHOSPHATE 'C10 H14 N5 O8 P'
U RNA linking URIDINE-5'-MONOPHOSPHATE 'C9 H13 N2 O9 P'
#
# COMPACT_ATOMS: atom_id res chain seq x y z
C2 6MZ A 6 -2.04 0.47 3.25
C4 6MZ A 6 -1.08 0.47 1.25
C5 6MZ A 6 -1.95 -0.50 0.77
O1P 6MZ A 6 3.03 -1.42 -4.71
O2P 6MZ A 6 0.71 -2.32 -3.99
N9 6MZ A 6 -0.25 0.78 0.20
N3 6MZ A 6 -1.07 1.01 2.49
N1 6MZ A 6 -2.96 -0.46 2.93
C6 6MZ A 6 -2.94 -0.99 1.68
N6 6MZ A 6 -3.95 -1.85 1.37
C9 6MZ A 6 -4.90 -2.28 2.24
N7 6MZ A 6 -1.64 -0.80 -0.56
C8 6MZ A 6 -0.63 -0.02 -0.84
O5' 6MZ A 6 1.76 -0.39 -2.80
C5' 6MZ A 6 2.68 0.71 -2.67
C4' 6MZ A 6 2.64 1.28 -1.27
O4' 6MZ A 6 1.35 1.90 -1.04
C1' 6MZ A 6 0.93 1.64 0.28
C2' 6MZ A 6 2.11 1.00 1.01
O2' 6MZ A 6 2.90 1.99 1.63
C3' 6MZ A 6 2.81 0.28 -0.13
O3' 6MZ A 6 4.18 -0.03 0.09
P 6MZ A 6 1.64 -1.18 -4.18
O3P 6MZ A 6 0.97 -0.13 -5.18
H2 6MZ A 6 -2.09 0.85 4.26
H8 6MZ A 6 -0.16 0.01 -1.80
H1' 6MZ A 6 0.67 2.59 0.79
H9C1 6MZ A 6 -5.59 -2.97 1.73
H9C2 6MZ A 6 -4.41 -2.81 3.08
H5'1 6MZ A 6 3.70 0.36 -2.88
H5'2 6MZ A 6 2.41 1.51 -3.38
H4' 6MZ A 6 3.42 2.05 -1.18
H3' 6MZ A 6 2.24 -0.64 -0.38
H2' 6MZ A 6 1.74 0.27 1.74
HA 6MZ A 6 3.63 1.59 2.07
H6 6MZ A 6 -4.46 -1.42 0.62
H9 6MZ A 6 -5.46 -1.42 2.63
C2 6MZ A 6 -2.01 0.57 3.14
C4 6MZ A 6 -1.01 0.54 1.17
C5 6MZ A 6 -1.81 -0.49 0.69
O1P 6MZ A 6 3.27 -1.29 -4.71
O2P 6MZ A 6 0.99 -2.30 -3.99
N9 6MZ A 6 -0.17 0.87 0.13
N3 6MZ A 6 -1.06 1.12 2.38
N1 6MZ A 6 -2.87 -0.42 2.84
C6 6MZ A 6 -2.81 -1.00 1.60
N6 6MZ A 6 -3.75 -1.93 1.31
C9 6MZ A 6 -4.68 -2.39 2.19
N7 6MZ A 6 -1.48 -0.81 -0.62
C8 6MZ A 6 -0.50 0.02 -0.91
O5' 6MZ A 6 1.93 -0.28 -2.84
C5' 6MZ A 6 2.80 0.86 -2.72
C4' 6MZ A 6 2.72 1.44 -1.33
O4' 6MZ A 6 1.39 2.02 -1.12
C1' 6MZ A 6 0.97 1.77 0.20
C2' 6MZ A 6 2.16 1.18 0.95
O2' 6MZ A 6 2.91 2.21 1.56
C3' 6MZ A 6 2.91 0.48 -0.17
O3' 6MZ A 6 4.29 0.23 0.08
P 6MZ A 6 1.88 -1.12 -4.20
O3P 6MZ A 6 1.15 -0.13 -5.24
H2 6MZ A 6 -2.11 0.97 4.14
H8 6MZ A 6 -0.01 0.04 -1.87
H1' 6MZ A 6 0.68 2.71 0.68
H9C1 6MZ A 6 -5.32 -3.13 1.68
H9C2 6MZ A 6 -4.18 -2.86 3.04
H5'1 6MZ A 6 3.83 0.54 -2.91
H5'2 6MZ A 6 2.50 1.63 -3.45
H4' 6MZ A 6 3.47 2.25 -1.25
H3' 6MZ A 6 2.39 -0.47 -0.40
H2' 6MZ A 6 1.82 0.44 1.68
HA 6MZ A 6 3.65 1.85 2.02
H6 6MZ A 6 -4.28 -1.54 0.54
H9 6MZ A 6 -5.30 -1.55 2.54
C2 6MZ A 6 -2.04 0.56 3.29
C4 6MZ A 6 -1.07 0.52 1.28
C5 6MZ A 6 -1.94 -0.45 0.81
O1P 6MZ A 6 3.01 -1.48 -4.68
O2P 6MZ A 6 0.68 -2.35 -3.94
N9 6MZ A 6 -0.24 0.81 0.23
N3 6MZ A 6 -1.07 1.07 2.51
N1 6MZ A 6 -2.95 -0.38 2.98
C6 6MZ A 6 -2.95 -0.92 1.73
N6 6MZ A 6 -3.95 -1.79 1.44
C9 6MZ A 6 -4.90 -2.21 2.32
N7 6MZ A 6 -1.65 -0.77 -0.52
C8 6MZ A 6 -0.63 0.00 -0.80
O5' 6MZ A 6 1.76 -0.42 -2.77
C5' 6MZ A 6 2.69 0.67 -2.64
C4' 6MZ A 6 2.66 1.25 -1.25
O4' 6MZ A 6 1.38 1.89 -1.02
C1' 6MZ A 6 0.96 1.65 0.31
C2' 6MZ A 6 2.13 0.98 1.03
O2' 6MZ A 6 2.93 1.96 1.65
C3' 6MZ A 6 2.82 0.25 -0.11
O3' 6MZ A 6 4.19 -0.07 0.12
P 6MZ A 6 1.63 -1.23 -4.15
O3P 6MZ A 6 0.96 -0.18 -5.16
H2 6MZ A 6 -2.08 0.95 4.29
H8 6MZ A 6 -0.15 0.01 -1.76
H1' 6MZ A 6 0.72 2.59 0.82
H9C1 6MZ A 6 -5.59 -2.90 1.81
H9C2 6MZ A 6 -4.41 -2.73 3.16
H5'1 6MZ A 6 3.71 0.29 -2.86
H5'2 6MZ A 6 2.42 1.45 -3.36
H4' 6MZ A 6 3.45 2.00 -1.17
H3' 6MZ A 6 2.25 -0.66 -0.35
H2' 6MZ A 6 1.75 0.24 1.76
HA 6MZ A 6 3.66 1.55 2.09
H6 6MZ A 6 -4.46 -1.37 0.69
H9 6MZ A 6 -5.46 -1.34 2.70
C2 6MZ A 6 -1.99 0.46 3.24
C4 6MZ A 6 -1.03 0.47 1.25
C5 6MZ A 6 -1.89 -0.51 0.77
O1P 6MZ A 6 3.05 -1.41 -4.72
O2P 6MZ A 6 0.75 -2.33 -3.99
N9 6MZ A 6 -0.20 0.79 0.20
N3 6MZ A 6 -1.03 1.00 2.49
N1 6MZ A 6 -2.89 -0.49 2.94
C6 6MZ A 6 -2.89 -1.01 1.67
N6 6MZ A 6 -3.89 -1.88 1.37
C9 6MZ A 6 -4.81 -2.34 2.25
N7 6MZ A 6 -1.59 -0.81 -0.56
C8 6MZ A 6 -0.58 -0.02 -0.84
O5' 6MZ A 6 1.79 -0.38 -2.80
C5' 6MZ A 6 2.72 0.71 -2.67
C4' 6MZ A 6 2.69 1.27 -1.27
O4' 6MZ A 6 1.40 1.91 -1.03
C1' 6MZ A 6 0.97 1.64 0.29
C2' 6MZ A 6 2.16 0.99 1.01
O2' 6MZ A 6 2.96 1.98 1.63
C3' 6MZ A 6 2.86 0.27 -0.14
O3' 6MZ A 6 4.23 -0.05 0.09
P 6MZ A 6 1.67 -1.18 -4.18
O3P 6MZ A 6 0.98 -0.14 -5.18
H2 6MZ A 6 -2.04 0.83 4.26
H8 6MZ A 6 -0.10 0.02 -1.80
H1' 6MZ A 6 0.73 2.58 0.81
H9C1 6MZ A 6 -5.50 -3.02 1.73
H9C2 6MZ A 6 -4.31 -2.86 3.07
H5'1 6MZ A 6 3.74 0.36 -2.89
H5'2 6MZ A 6 2.45 1.50 -3.38
H4' 6MZ A 6 3.48 2.04 -1.18
H3' 6MZ A 6 2.28 -0.64 -0.38
H2' 6MZ A 6 1.79 0.25 1.73
HA 6MZ A 6 3.68 1.56 2.07
H6 6MZ A 6 -4.40 -1.45 0.63
H9 6MZ A 6 -5.38 -1.48 2.65
C2 6MZ A 6 -2.05 0.54 3.27
C4 6MZ A 6 -1.08 0.49 1.28
C5 6MZ A 6 -1.92 -0.51 0.81
O1P 6MZ A 6 3.03 -1.46 -4.64
O2P 6MZ A 6 0.72 -2.38 -3.89
N9 6MZ A 6 -0.24 0.79 0.23
N3 6MZ A 6 -1.08 1.06 2.51
N1 6MZ A 6 -2.94 -0.43 2.97
C6 6MZ A 6 -2.92 -0.99 1.73
N6 6MZ A 6 -3.91 -1.87 1.43
C9 6MZ A 6 -4.85 -2.29 2.32
N7 6MZ A 6 -1.59 -0.84 -0.50
C8 6MZ A 6 -0.61 -0.04 -0.80
O5' 6MZ A 6 1.75 -0.40 -2.75
C5' 6MZ A 6 2.67 0.70 -2.64
C4' 6MZ A 6 2.64 1.29 -1.25
O4' 6MZ A 6 1.35 1.90 -1.02
C1' 6MZ A 6 0.93 1.65 0.30
C2' 6MZ A 6 2.12 1.03 1.04
O2' 6MZ A 6 2.90 2.04 1.64
C3' 6MZ A 6 2.83 0.30 -0.10
O3' 6MZ A 6 4.21 0.01 0.13
P 6MZ A 6 1.64 -1.23 -4.11
O3P 6MZ A 6 0.95 -0.21 -5.13
H2 6MZ A 6 -2.12 0.93 4.27
H8 6MZ A 6 -0.11 -0.04 -1.76
H1' 6MZ A 6 0.67 2.60 0.80
H9C1 6MZ A 6 -5.54 -3.00 1.81
H9C2 6MZ A 6 -4.37 -2.81 3.16
H5'1 6MZ A 6 3.69 0.35 -2.85
H5'2 6MZ A 6 2.39 1.48 -3.36
H4' 6MZ A 6 3.43 2.06 -1.17
H3' 6MZ A 6 2.28 -0.62 -0.33
H2' 6MZ A 6 1.76 0.30 1.77
HA 6MZ A 6 3.64 1.64 2.08
H6 6MZ A 6 -4.42 -1.46 0.68
H9 6MZ A 6 -5.43 -1.44 2.68
C2 6MZ A 6 -2.16 0.59 3.22
C4 6MZ A 6 -1.15 0.53 1.25
C5 6MZ A 6 -1.97 -0.50 0.79
O1P 6MZ A 6 3.06 -1.46 -4.61
O2P 6MZ A 6 0.75 -2.38 -3.88
N9 6MZ A 6 -0.30 0.82 0.21
N3 6MZ A 6 -1.19 1.13 2.46
N1 6MZ A 6 -3.03 -0.39 2.93
C6 6MZ A 6 -2.98 -0.97 1.70
N6 6MZ A 6 -3.94 -1.88 1.41
C9 6MZ A 6 -4.88 -2.32 2.28
N7 6MZ A 6 -1.63 -0.84 -0.51
C8 6MZ A 6 -0.64 -0.04 -0.80
O5' 6MZ A 6 1.75 -0.39 -2.74
C5' 6MZ A 6 2.67 0.73 -2.63
C4' 6MZ A 6 2.60 1.32 -1.25
O4' 6MZ A 6 1.30 1.93 -1.04
C1' 6MZ A 6 0.87 1.69 0.29
C2' 6MZ A 6 2.05 1.07 1.04
O2' 6MZ A 6 2.81 2.09 1.66
C3' 6MZ A 6 2.78 0.35 -0.09
O3' 6MZ A 6 4.15 0.08 0.16
P 6MZ A 6 1.67 -1.23 -4.11
O3P 6MZ A 6 0.97 -0.22 -5.15
H2 6MZ A 6 -2.24 1.00 4.22
H8 6MZ A 6 -0.13 -0.05 -1.76
H1' 6MZ A 6 0.60 2.64 0.77
H9C1 6MZ A 6 -5.54 -3.05 1.79
H9C2 6MZ A 6 -4.39 -2.80 3.15
H5'1 6MZ A 6 3.68 0.37 -2.84
H5'2 6MZ A 6 2.38 1.50 -3.36
H4' 6MZ A 6 3.38 2.10 -1.17
H3' 6MZ A 6 2.24 -0.58 -0.32
H2' 6MZ A 6 1.68 0.34 1.77
HA 6MZ A 6 3.54 1.70 2.12
H6 6MZ A 6 -4.45 -1.50 0.64
H9 6MZ A 6 -5.49 -1.46 2.63
C2 6MZ A 6 -2.02 0.44 3.31
C4 6MZ A 6 -1.08 0.48 1.30
C5 6MZ A 6 -1.95 -0.48 0.80
O1P 6MZ A 6 3.05 -1.42 -4.61
O2P 6MZ A 6 0.72 -2.32 -3.90
N9 6MZ A 6 -0.25 0.80 0.26
N3 6MZ A 6 -1.05 0.98 2.55
N1 6MZ A 6 -2.95 -0.46 2.98
C6 6MZ A 6 -2.97 -0.96 1.71
N6 6MZ A 6 -4.00 -1.78 1.38
C9 6MZ A 6 -4.94 -2.22 2.25
N7 6MZ A 6 -1.67 -0.76 -0.53
C8 6MZ A 6 -0.66 0.03 -0.79
O5' 6MZ A 6 1.76 -0.37 -2.73
C5' 6MZ A 6 2.68 0.73 -2.60
C4' 6MZ A 6 2.65 1.31 -1.20
O4' 6MZ A 6 1.34 1.92 -0.98
C1' 6MZ A 6 0.93 1.66 0.34
C2' 6MZ A 6 2.10 1.01 1.08
O2' 6MZ A 6 2.89 2.01 1.70
C3' 6MZ A 6 2.81 0.30 -0.07
O3' 6MZ A 6 4.19 0.00 0.17
P 6MZ A 6 1.66 -1.18 -4.10
O3P 6MZ A 6 0.99 -0.15 -5.12
H2 6MZ A 6 -2.05 0.79 4.33
H8 6MZ A 6 -0.17 0.05 -1.76
H1' 6MZ A 6 0.67 2.60 0.86
H9C1 6MZ A 6 -5.66 -2.87 1.71
H9C2 6MZ A 6 -4.47 -2.78 3.06
H5'1 6MZ A 6 3.70 0.38 -2.81
H5'2 6MZ A 6 2.42 1.52 -3.31
H4' 6MZ A 6 3.44 2.07 -1.11
H3' 6MZ A 6 2.26 -0.61 -0.32
H2' 6MZ A 6 1.72 0.28 1.81
HA 6MZ A 6 3.62 1.60 2.16
H6 6MZ A 6 -4.50 -1.31 0.65
H9 6MZ A 6 -5.49 -1.36 2.66
C2 6MZ A 6 -2.08 0.50 3.26
C4 6MZ A 6 -1.10 0.49 1.27
C5 6MZ A 6 -1.98 -0.47 0.77
O1P 6MZ A 6 3.06 -1.42 -4.65
O2P 6MZ A 6 0.74 -2.33 -3.94
N9 6MZ A 6 -0.27 0.81 0.23
N3 6MZ A 6 -1.09 1.03 2.51
N1 6MZ A 6 -3.01 -0.41 2.94
C6 6MZ A 6 -2.99 -0.94 1.69
N6 6MZ A 6 -4.00 -1.79 1.37
C9 6MZ A 6 -4.96 -2.22 2.25
N7 6MZ A 6 -1.69 -0.76 -0.55
C8 6MZ A 6 -0.66 0.01 -0.82
O5' 6MZ A 6 1.76 -0.37 -2.77
C5' 6MZ A 6 2.68 0.74 -2.63
C4' 6MZ A 6 2.63 1.31 -1.24
O4' 6MZ A 6 1.33 1.91 -1.02
C1' 6MZ A 6 0.90 1.66 0.30
C2' 6MZ A 6 2.08 1.03 1.04
O2' 6MZ A 6 2.87 2.04 1.66
C3' 6MZ A 6 2.80 0.32 -0.10
O3' 6MZ A 6 4.18 0.02 0.14
P 6MZ A 6 1.67 -1.19 -4.14
O3P 6MZ A 6 1.00 -0.16 -5.16
H2 6MZ A 6 -2.14 0.89 4.27
H8 6MZ A 6 -0.18 0.02 -1.79
H1' 6MZ A 6 0.64 2.60 0.81
H9C1 6MZ A 6 -5.65 -2.90 1.72
H9C2 6MZ A 6 -4.48 -2.75 3.08
H5'1 6MZ A 6 3.70 0.39 -2.84
H5'2 6MZ A 6 2.41 1.52 -3.35
H4' 6MZ A 6 3.40 2.08 -1.15
H3' 6MZ A 6 2.26 -0.61 -0.34
H2' 6MZ A 6 1.72 0.29 1.77
HA 6MZ A 6 3.60 1.63 2.12
H6 6MZ A 6 -4.50 -1.36 0.63
H9 6MZ A 6 -5.52 -1.35 2.63
C2 6MZ A 6 -2.00 0.55 3.27
C4 6MZ A 6 -1.05 0.52 1.26
C5 6MZ A 6 -1.94 -0.43 0.79
O1P 6MZ A 6 3.04 -1.49 -4.66
O2P 6MZ A 6 0.71 -2.37 -3.94
N9 6MZ A 6 -0.21 0.80 0.22
N3 6MZ A 6 -1.02 1.05 2.51
N1 6MZ A 6 -2.95 -0.36 2.95
C6 6MZ A 6 -2.97 -0.88 1.71
N6 6MZ A 6 -4.00 -1.71 1.40
C9 6MZ A 6 -4.96 -2.10 2.27
N7 6MZ A 6 -1.66 -0.73 -0.54
C8 6MZ A 6 -0.63 0.02 -0.82
O5' 6MZ A 6 1.77 -0.42 -2.78
C5' 6MZ A 6 2.71 0.67 -2.65
C4' 6MZ A 6 2.68 1.24 -1.27
O4' 6MZ A 6 1.39 1.88 -1.04
C1' 6MZ A 6 0.98 1.65 0.29
C2' 6MZ A 6 2.15 0.98 1.02
O2' 6MZ A 6 2.96 1.98 1.63
C3' 6MZ A 6 2.84 0.25 -0.12
O3' 6MZ A 6 4.21 -0.07 0.11
P 6MZ A 6 1.65 -1.24 -4.15
O3P 6MZ A 6 0.99 -0.20 -5.16
H2 6MZ A 6 -2.03 0.92 4.29
H8 6MZ A 6 -0.14 0.01 -1.78
H1' 6MZ A 6 0.74 2.60 0.80
H9C1 6MZ A 6 -5.67 -2.77 1.76
H9C2 6MZ A 6 -4.50 -2.65 3.11
H5'1 6MZ A 6 3.72 0.30 -2.88
H5'2 6MZ A 6 2.43 1.45 -3.37
H4' 6MZ A 6 3.48 2.01 -1.18
H3' 6MZ A 6 2.27 -0.65 -0.36
H2' 6MZ A 6 1.77 0.26 1.76
HA 6MZ A 6 3.67 1.56 2.09
H6 6MZ A 6 -4.50 -1.25 0.65
H9 6MZ A 6 -5.49 -1.22 2.66
C2 6MZ A 6 -2.22 0.56 3.30
C4 6MZ A 6 -1.25 0.54 1.31
C5 6MZ A 6 -2.08 -0.49 0.85
O1P 6MZ A 6 3.03 -1.42 -4.51
O2P 6MZ A 6 0.73 -2.38 -3.80
N9 6MZ A 6 -0.42 0.84 0.26
N3 6MZ A 6 -1.27 1.12 2.53
N1 6MZ A 6 -3.10 -0.41 3.01
C6 6MZ A 6 -3.07 -0.97 1.77
N6 6MZ A 6 -4.05 -1.88 1.49
C9 6MZ A 6 -4.97 -2.32 2.37
N7 6MZ A 6 -1.76 -0.81 -0.46
C8 6MZ A 6 -0.76 -0.01 -0.76
O5' 6MZ A 6 1.67 -0.36 -2.67
C5' 6MZ A 6 2.56 0.77 -2.57
C4' 6MZ A 6 2.47 1.40 -1.19
O4' 6MZ A 6 1.15 1.96 -1.01
C1' 6MZ A 6 0.72 1.75 0.31
C2' 6MZ A 6 1.92 1.19 1.08
O2' 6MZ A 6 2.66 2.24 1.67
C3' 6MZ A 6 2.67 0.45 -0.02
O3' 6MZ A 6 4.06 0.22 0.25
P 6MZ A 6 1.62 -1.22 -4.02
O3P 6MZ A 6 0.93 -0.24 -5.08
H2 6MZ A 6 -2.29 0.98 4.30
H8 6MZ A 6 -0.27 -0.01 -1.71
H1' 6MZ A 6 0.43 2.70 0.78
H9C1 6MZ A 6 -5.64 -3.04 1.88
H9C2 6MZ A 6 -4.47 -2.81 3.21
H5'1 6MZ A 6 3.60 0.44 -2.75
H5'2 6MZ A 6 2.28 1.52 -3.32
H4' 6MZ A 6 3.21 2.20 -1.12
H3' 6MZ A 6 2.16 -0.50 -0.23
H2' 6MZ A 6 1.57 0.47 1.84
HA 6MZ A 6 3.40 1.88 2.15
H6 6MZ A 6 -4.56 -1.48 0.73
H9 6MZ A 6 -5.56 -1.47 2.74
#